data_2BDV
#
_entry.id   2BDV
#
_cell.length_a   36.954
_cell.length_b   63.553
_cell.length_c   80.457
_cell.angle_alpha   90.00
_cell.angle_beta   90.00
_cell.angle_gamma   90.00
#
_symmetry.space_group_name_H-M   'P 21 21 21'
#
loop_
_entity.id
_entity.type
_entity.pdbx_description
1 polymer 'phage-related conserved hypothetical protein, BB2244'
2 water water
#
_entity_poly.entity_id   1
_entity_poly.type   'polypeptide(L)'
_entity_poly.pdbx_seq_one_letter_code
;MCGRIAQKSAPEDYVEILWPNARLIFDDVAGPRYNIPPGTRPLT(MSE)HRLVDQAEALARLPWGYKPHGSSFF(MSE)I
NAKLETIERHGWPWKL(MSE)IGTGRILVPADGWYEWKALDSGPKPAKQPYYIHGDAPLLFAGLSAWRRGAELDEAHGFA
IVTNDALGGMVDVHDRRPVALPPELAREWVDPATPVARAKEILRAGLPETAFSWYPVRQEVGSSKYQLPDAVDPLLEHHH
HHH
;
_entity_poly.pdbx_strand_id   A
#
# COMPACT_ATOMS: atom_id res chain seq x y z
N CYS A 2 -3.78 2.97 6.75
CA CYS A 2 -4.18 2.82 5.34
C CYS A 2 -5.09 1.61 5.21
N GLY A 3 -6.39 1.80 5.39
CA GLY A 3 -7.29 0.68 5.32
C GLY A 3 -8.13 0.60 4.06
N ARG A 4 -7.98 1.60 3.19
CA ARG A 4 -8.74 1.65 1.97
C ARG A 4 -7.98 2.49 0.94
N ILE A 5 -7.93 2.03 -0.30
CA ILE A 5 -7.24 2.78 -1.34
C ILE A 5 -8.13 2.89 -2.59
N ALA A 6 -7.66 3.65 -3.57
CA ALA A 6 -8.39 3.82 -4.81
C ALA A 6 -7.48 3.60 -6.01
N GLN A 7 -7.93 2.76 -6.94
CA GLN A 7 -7.20 2.49 -8.18
C GLN A 7 -8.19 2.77 -9.32
N LYS A 8 -8.22 4.02 -9.77
CA LYS A 8 -9.12 4.42 -10.83
C LYS A 8 -8.50 4.75 -12.19
N SER A 9 -7.19 4.94 -12.22
CA SER A 9 -6.52 5.24 -13.49
C SER A 9 -6.33 3.97 -14.29
N ALA A 10 -6.10 4.14 -15.59
CA ALA A 10 -5.87 3.01 -16.47
C ALA A 10 -4.59 2.34 -16.01
N PRO A 11 -4.56 1.00 -16.04
CA PRO A 11 -3.36 0.28 -15.61
C PRO A 11 -2.08 0.69 -16.37
N GLU A 12 -2.22 1.02 -17.66
CA GLU A 12 -1.04 1.43 -18.42
C GLU A 12 -0.44 2.71 -17.87
N ASP A 13 -1.24 3.52 -17.19
CA ASP A 13 -0.72 4.77 -16.62
C ASP A 13 0.24 4.48 -15.45
N TYR A 14 -0.05 3.44 -14.67
CA TYR A 14 0.80 3.08 -13.53
C TYR A 14 2.17 2.62 -14.02
N VAL A 15 2.17 1.79 -15.05
CA VAL A 15 3.41 1.29 -15.61
C VAL A 15 4.24 2.42 -16.22
N GLU A 16 3.57 3.32 -16.94
CA GLU A 16 4.22 4.45 -17.58
C GLU A 16 4.97 5.31 -16.56
N ILE A 17 4.42 5.45 -15.36
CA ILE A 17 5.07 6.24 -14.33
C ILE A 17 6.25 5.52 -13.70
N LEU A 18 6.09 4.22 -13.42
CA LEU A 18 7.18 3.46 -12.81
C LEU A 18 8.25 3.05 -13.83
N TRP A 19 7.81 2.51 -14.95
CA TRP A 19 8.73 2.09 -16.00
C TRP A 19 8.45 2.86 -17.28
N PRO A 20 8.82 4.15 -17.31
CA PRO A 20 8.60 4.99 -18.49
C PRO A 20 9.09 4.34 -19.76
N ASN A 21 8.27 4.39 -20.81
CA ASN A 21 8.63 3.78 -22.08
C ASN A 21 9.05 2.33 -21.87
N ALA A 22 8.04 1.46 -21.78
CA ALA A 22 8.24 0.03 -21.58
C ALA A 22 6.91 -0.62 -21.27
N ARG A 23 6.03 -0.71 -22.26
CA ARG A 23 4.71 -1.31 -22.04
C ARG A 23 4.83 -2.76 -21.54
N LEU A 24 3.73 -3.29 -21.02
CA LEU A 24 3.71 -4.67 -20.52
C LEU A 24 2.59 -5.49 -21.15
N VAL A 29 -7.90 -6.15 -17.70
CA VAL A 29 -9.14 -5.39 -17.71
C VAL A 29 -10.17 -5.92 -16.70
N ALA A 30 -10.73 -5.01 -15.90
CA ALA A 30 -11.72 -5.36 -14.90
C ALA A 30 -12.42 -4.12 -14.37
N GLY A 31 -12.05 -2.96 -14.92
CA GLY A 31 -12.65 -1.71 -14.51
C GLY A 31 -11.98 -1.07 -13.31
N PRO A 32 -12.07 0.27 -13.18
CA PRO A 32 -11.44 0.97 -12.05
C PRO A 32 -12.19 0.74 -10.74
N ARG A 33 -11.43 0.72 -9.63
CA ARG A 33 -12.01 0.51 -8.31
C ARG A 33 -11.73 1.71 -7.43
N TYR A 34 -12.80 2.42 -7.05
CA TYR A 34 -12.66 3.61 -6.21
C TYR A 34 -12.64 3.24 -4.72
N ASN A 35 -13.15 2.06 -4.37
CA ASN A 35 -13.19 1.61 -2.98
C ASN A 35 -12.55 0.24 -2.84
N ILE A 36 -11.28 0.20 -2.45
CA ILE A 36 -10.57 -1.06 -2.31
C ILE A 36 -10.10 -1.34 -0.90
N PRO A 37 -10.68 -2.39 -0.28
CA PRO A 37 -10.29 -2.75 1.10
C PRO A 37 -9.39 -3.97 1.10
N PRO A 38 -8.85 -4.31 2.27
CA PRO A 38 -7.98 -5.47 2.41
C PRO A 38 -8.78 -6.73 2.09
N GLY A 39 -8.11 -7.81 1.69
CA GLY A 39 -8.81 -9.03 1.38
C GLY A 39 -9.16 -9.17 -0.09
N THR A 40 -8.78 -8.18 -0.90
CA THR A 40 -9.05 -8.25 -2.32
C THR A 40 -7.73 -8.39 -3.04
N ARG A 41 -7.76 -8.34 -4.37
CA ARG A 41 -6.56 -8.46 -5.18
C ARG A 41 -6.28 -7.16 -5.92
N PRO A 42 -5.70 -6.16 -5.23
CA PRO A 42 -5.42 -4.89 -5.91
C PRO A 42 -4.29 -5.05 -6.91
N LEU A 43 -4.23 -4.16 -7.89
CA LEU A 43 -3.14 -4.18 -8.87
C LEU A 43 -1.85 -3.90 -8.12
N THR A 44 -0.78 -4.56 -8.53
CA THR A 44 0.54 -4.32 -7.94
C THR A 44 1.58 -4.43 -9.05
N MSE A 45 2.73 -3.83 -8.83
CA MSE A 45 3.83 -3.89 -9.77
C MSE A 45 5.04 -4.42 -9.02
O MSE A 45 5.29 -4.02 -7.88
CB MSE A 45 4.10 -2.51 -10.37
CG MSE A 45 2.91 -2.01 -11.18
SE MSE A 45 3.25 -0.44 -12.23
CE MSE A 45 3.11 0.85 -10.83
N HIS A 46 5.79 -5.32 -9.66
CA HIS A 46 6.95 -5.94 -9.03
C HIS A 46 7.83 -6.75 -9.97
N ARG A 47 8.93 -7.27 -9.43
CA ARG A 47 9.88 -8.09 -10.17
C ARG A 47 10.23 -9.27 -9.27
N LEU A 48 9.20 -9.89 -8.71
CA LEU A 48 9.38 -11.02 -7.80
C LEU A 48 9.76 -12.34 -8.45
N VAL A 49 9.38 -12.52 -9.71
CA VAL A 49 9.70 -13.75 -10.41
C VAL A 49 10.69 -13.52 -11.55
N ASP A 50 11.89 -14.09 -11.40
CA ASP A 50 12.95 -13.99 -12.38
C ASP A 50 13.29 -12.55 -12.79
N GLN A 51 13.29 -11.65 -11.80
CA GLN A 51 13.61 -10.24 -12.01
C GLN A 51 12.77 -9.55 -13.08
N ALA A 52 11.74 -10.23 -13.59
CA ALA A 52 10.91 -9.65 -14.64
C ALA A 52 9.92 -8.61 -14.11
N GLU A 53 9.84 -7.48 -14.82
CA GLU A 53 8.91 -6.43 -14.42
C GLU A 53 7.49 -6.91 -14.74
N ALA A 54 6.58 -6.71 -13.81
CA ALA A 54 5.22 -7.15 -14.06
C ALA A 54 4.16 -6.30 -13.38
N LEU A 55 2.94 -6.45 -13.88
CA LEU A 55 1.77 -5.77 -13.39
C LEU A 55 0.76 -6.89 -13.17
N ALA A 56 0.52 -7.24 -11.91
CA ALA A 56 -0.40 -8.32 -11.56
C ALA A 56 -1.21 -8.01 -10.29
N ARG A 57 -2.21 -8.84 -10.02
CA ARG A 57 -3.05 -8.67 -8.85
C ARG A 57 -2.64 -9.62 -7.74
N LEU A 58 -2.27 -9.04 -6.60
CA LEU A 58 -1.86 -9.85 -5.46
C LEU A 58 -2.83 -9.59 -4.32
N PRO A 59 -2.96 -10.55 -3.40
CA PRO A 59 -3.85 -10.44 -2.24
C PRO A 59 -3.34 -9.45 -1.20
N TRP A 60 -4.20 -8.50 -0.84
CA TRP A 60 -3.88 -7.50 0.16
C TRP A 60 -4.30 -8.05 1.53
N GLY A 61 -3.33 -8.25 2.42
CA GLY A 61 -3.63 -8.77 3.75
C GLY A 61 -2.77 -9.98 4.04
N TYR A 62 -1.74 -9.80 4.88
CA TYR A 62 -0.82 -10.88 5.24
C TYR A 62 -1.16 -11.58 6.55
N LYS A 63 -1.31 -12.90 6.47
CA LYS A 63 -1.63 -13.74 7.61
C LYS A 63 -0.51 -14.74 7.90
N PRO A 64 0.35 -14.43 8.87
CA PRO A 64 1.47 -15.32 9.23
C PRO A 64 0.99 -16.74 9.52
N HIS A 65 1.76 -17.72 9.04
CA HIS A 65 1.45 -19.14 9.21
C HIS A 65 1.09 -19.53 10.65
N GLY A 66 1.76 -18.93 11.62
CA GLY A 66 1.52 -19.26 13.02
C GLY A 66 0.68 -18.32 13.87
N SER A 67 -0.12 -17.46 13.24
CA SER A 67 -0.97 -16.56 14.01
C SER A 67 -2.30 -16.23 13.30
N SER A 68 -3.20 -15.57 14.03
CA SER A 68 -4.51 -15.20 13.51
C SER A 68 -4.55 -13.72 13.16
N PHE A 69 -3.37 -13.16 12.91
CA PHE A 69 -3.24 -11.76 12.56
C PHE A 69 -3.44 -11.56 11.07
N PHE A 70 -4.10 -10.46 10.72
CA PHE A 70 -4.33 -10.15 9.32
C PHE A 70 -3.72 -8.77 9.10
N MSE A 71 -2.40 -8.75 9.00
CA MSE A 71 -1.64 -7.51 8.82
C MSE A 71 -1.82 -6.87 7.45
O MSE A 71 -1.52 -7.47 6.42
CB MSE A 71 -0.17 -7.79 9.08
CG MSE A 71 0.14 -8.16 10.52
SE MSE A 71 1.83 -9.10 10.67
CE MSE A 71 1.22 -10.61 11.73
N ILE A 72 -2.31 -5.63 7.47
CA ILE A 72 -2.55 -4.86 6.26
C ILE A 72 -1.53 -3.77 6.02
N ASN A 73 -0.87 -3.34 7.10
CA ASN A 73 0.15 -2.30 7.04
C ASN A 73 1.43 -2.83 7.67
N ALA A 74 2.58 -2.38 7.18
CA ALA A 74 3.86 -2.81 7.72
C ALA A 74 4.57 -1.59 8.32
N LYS A 75 4.64 -1.55 9.65
CA LYS A 75 5.26 -0.45 10.37
C LYS A 75 6.70 -0.19 9.93
N LEU A 76 6.92 1.01 9.40
CA LEU A 76 8.21 1.44 8.91
C LEU A 76 9.35 1.11 9.89
N GLU A 77 9.15 1.42 11.17
CA GLU A 77 10.19 1.18 12.15
C GLU A 77 10.50 -0.30 12.37
N THR A 78 9.50 -1.15 12.33
CA THR A 78 9.75 -2.58 12.51
C THR A 78 10.62 -3.06 11.34
N ILE A 79 10.41 -2.48 10.17
CA ILE A 79 11.20 -2.85 8.99
C ILE A 79 12.63 -2.32 9.17
N GLU A 80 12.76 -1.13 9.75
CA GLU A 80 14.06 -0.53 9.98
C GLU A 80 14.87 -1.31 11.02
N ARG A 81 14.21 -1.69 12.11
CA ARG A 81 14.85 -2.44 13.19
C ARG A 81 14.96 -3.91 12.78
N HIS A 82 14.58 -4.20 11.54
CA HIS A 82 14.62 -5.55 10.99
C HIS A 82 13.89 -6.51 11.91
N GLY A 83 12.62 -6.23 12.17
CA GLY A 83 11.83 -7.08 13.04
C GLY A 83 10.85 -7.97 12.30
N TRP A 84 10.24 -8.88 13.05
CA TRP A 84 9.25 -9.82 12.54
C TRP A 84 7.98 -9.08 12.17
N PRO A 85 7.32 -9.47 11.06
CA PRO A 85 7.77 -10.57 10.21
C PRO A 85 8.37 -10.03 8.92
N TRP A 86 8.35 -8.70 8.79
CA TRP A 86 8.86 -8.05 7.60
C TRP A 86 10.32 -8.36 7.28
N LYS A 87 11.10 -8.74 8.28
CA LYS A 87 12.52 -9.03 8.04
C LYS A 87 12.66 -10.20 7.07
N LEU A 88 11.57 -10.92 6.85
CA LEU A 88 11.56 -12.06 5.96
C LEU A 88 11.18 -11.71 4.52
N MSE A 89 10.72 -10.49 4.32
CA MSE A 89 10.29 -10.06 2.99
C MSE A 89 11.02 -8.82 2.48
O MSE A 89 11.00 -8.55 1.28
CB MSE A 89 8.79 -9.77 3.02
CG MSE A 89 7.94 -11.00 3.26
SE MSE A 89 6.15 -10.53 3.83
CE MSE A 89 6.37 -10.85 5.72
N ILE A 90 11.67 -8.09 3.38
CA ILE A 90 12.39 -6.89 2.99
C ILE A 90 13.45 -7.17 1.94
N GLY A 91 13.92 -8.41 1.88
CA GLY A 91 14.93 -8.77 0.91
C GLY A 91 14.39 -9.24 -0.43
N THR A 92 13.40 -10.13 -0.40
CA THR A 92 12.84 -10.71 -1.63
C THR A 92 11.34 -10.52 -1.89
N GLY A 93 10.64 -9.80 -1.02
CA GLY A 93 9.23 -9.60 -1.25
C GLY A 93 8.80 -8.17 -1.51
N ARG A 94 9.74 -7.30 -1.90
CA ARG A 94 9.43 -5.90 -2.15
C ARG A 94 8.58 -5.65 -3.40
N ILE A 95 7.45 -5.00 -3.21
CA ILE A 95 6.53 -4.70 -4.31
C ILE A 95 6.02 -3.27 -4.19
N LEU A 96 5.32 -2.83 -5.22
CA LEU A 96 4.72 -1.51 -5.23
C LEU A 96 3.23 -1.69 -5.48
N VAL A 97 2.42 -0.87 -4.81
CA VAL A 97 0.98 -0.91 -4.98
C VAL A 97 0.54 0.45 -5.49
N PRO A 98 0.20 0.54 -6.79
CA PRO A 98 -0.23 1.81 -7.35
C PRO A 98 -1.59 2.26 -6.79
N ALA A 99 -1.77 3.58 -6.67
CA ALA A 99 -2.99 4.16 -6.15
C ALA A 99 -3.16 5.63 -6.49
N ASP A 100 -4.41 6.01 -6.78
CA ASP A 100 -4.72 7.39 -7.09
C ASP A 100 -4.90 8.15 -5.77
N GLY A 101 -5.13 7.40 -4.72
CA GLY A 101 -5.32 7.97 -3.38
C GLY A 101 -5.77 6.93 -2.36
N TRP A 102 -6.04 7.37 -1.13
CA TRP A 102 -6.48 6.44 -0.09
C TRP A 102 -7.46 7.14 0.85
N TYR A 103 -8.11 6.37 1.71
CA TYR A 103 -9.07 6.95 2.63
C TYR A 103 -8.69 6.82 4.10
N GLU A 104 -9.06 7.83 4.89
CA GLU A 104 -8.85 7.85 6.33
C GLU A 104 -10.14 8.42 6.92
N TRP A 105 -10.57 7.85 8.04
CA TRP A 105 -11.79 8.31 8.70
C TRP A 105 -11.45 9.19 9.90
N LYS A 106 -12.05 10.37 9.92
CA LYS A 106 -11.82 11.33 10.98
C LYS A 106 -12.88 11.18 12.07
N ALA A 107 -12.45 10.78 13.26
CA ALA A 107 -13.36 10.62 14.37
C ALA A 107 -14.00 11.97 14.66
N LEU A 108 -15.33 12.02 14.64
CA LEU A 108 -16.01 13.28 14.90
C LEU A 108 -16.40 13.44 16.37
N ASP A 109 -16.20 12.39 17.15
CA ASP A 109 -16.51 12.43 18.58
C ASP A 109 -15.88 11.24 19.30
N SER A 110 -15.92 11.27 20.63
CA SER A 110 -15.35 10.19 21.45
C SER A 110 -16.41 9.11 21.69
N GLY A 111 -16.23 8.34 22.75
CA GLY A 111 -17.18 7.28 23.06
C GLY A 111 -17.19 6.15 22.08
N PRO A 112 -17.97 5.09 22.37
CA PRO A 112 -18.07 3.91 21.51
C PRO A 112 -18.76 4.19 20.19
N LYS A 113 -18.40 3.42 19.16
CA LYS A 113 -18.97 3.58 17.82
C LYS A 113 -19.24 5.04 17.47
N PRO A 114 -18.17 5.86 17.43
CA PRO A 114 -18.28 7.29 17.12
C PRO A 114 -18.55 7.57 15.64
N ALA A 115 -19.26 8.66 15.35
CA ALA A 115 -19.54 9.02 13.97
C ALA A 115 -18.23 9.44 13.32
N LYS A 116 -17.90 8.80 12.21
CA LYS A 116 -16.66 9.12 11.53
C LYS A 116 -16.89 9.69 10.13
N GLN A 117 -16.12 10.71 9.81
CA GLN A 117 -16.19 11.36 8.51
C GLN A 117 -15.06 10.89 7.60
N PRO A 118 -15.38 10.11 6.56
CA PRO A 118 -14.35 9.61 5.65
C PRO A 118 -13.76 10.71 4.75
N TYR A 119 -12.44 10.69 4.56
CA TYR A 119 -11.76 11.66 3.70
C TYR A 119 -11.00 10.93 2.60
N TYR A 120 -10.86 11.57 1.44
CA TYR A 120 -10.10 10.98 0.34
C TYR A 120 -8.83 11.84 0.17
N ILE A 121 -7.66 11.20 0.20
CA ILE A 121 -6.37 11.88 0.07
C ILE A 121 -5.71 11.49 -1.25
N HIS A 122 -5.12 12.46 -1.95
CA HIS A 122 -4.47 12.15 -3.22
C HIS A 122 -3.37 13.14 -3.59
N GLY A 123 -2.68 12.84 -4.69
CA GLY A 123 -1.62 13.71 -5.17
C GLY A 123 -1.99 14.25 -6.54
N ASP A 124 -1.00 14.70 -7.30
CA ASP A 124 -1.21 15.26 -8.63
C ASP A 124 -1.04 14.18 -9.70
N ALA A 125 -0.75 12.96 -9.27
CA ALA A 125 -0.57 11.84 -10.17
C ALA A 125 -0.59 10.54 -9.38
N PRO A 126 -0.70 9.39 -10.07
CA PRO A 126 -0.74 8.08 -9.42
C PRO A 126 0.41 7.91 -8.42
N LEU A 127 0.10 7.33 -7.27
CA LEU A 127 1.09 7.14 -6.22
C LEU A 127 1.68 5.73 -6.26
N LEU A 128 2.94 5.60 -5.83
CA LEU A 128 3.58 4.29 -5.82
C LEU A 128 3.85 3.91 -4.37
N PHE A 129 2.90 3.20 -3.75
CA PHE A 129 3.05 2.79 -2.35
C PHE A 129 4.02 1.62 -2.26
N ALA A 130 4.95 1.71 -1.30
CA ALA A 130 5.91 0.65 -1.07
C ALA A 130 5.17 -0.46 -0.34
N GLY A 131 5.46 -1.71 -0.69
CA GLY A 131 4.79 -2.82 -0.04
C GLY A 131 5.66 -4.06 0.10
N LEU A 132 5.21 -4.98 0.94
CA LEU A 132 5.93 -6.22 1.17
C LEU A 132 4.94 -7.38 1.03
N SER A 133 5.31 -8.35 0.20
CA SER A 133 4.44 -9.49 -0.06
C SER A 133 5.15 -10.81 0.22
N ALA A 134 4.37 -11.80 0.64
CA ALA A 134 4.91 -13.11 0.91
C ALA A 134 4.57 -14.03 -0.26
N TRP A 135 4.03 -13.47 -1.33
CA TRP A 135 3.73 -14.35 -2.45
C TRP A 135 5.02 -14.56 -3.25
N ARG A 136 5.13 -15.74 -3.86
CA ARG A 136 6.29 -16.09 -4.68
C ARG A 136 5.76 -17.02 -5.77
N ARG A 137 6.51 -17.14 -6.87
CA ARG A 137 6.11 -17.99 -8.00
C ARG A 137 5.69 -19.40 -7.59
N GLY A 138 4.53 -19.83 -8.07
CA GLY A 138 4.03 -21.15 -7.74
C GLY A 138 3.18 -21.20 -6.48
N ALA A 139 3.19 -20.10 -5.72
CA ALA A 139 2.42 -20.03 -4.48
C ALA A 139 0.98 -19.64 -4.75
N GLU A 140 0.08 -20.09 -3.87
CA GLU A 140 -1.32 -19.77 -4.02
C GLU A 140 -1.58 -18.32 -3.61
N LEU A 141 -2.65 -17.74 -4.13
CA LEU A 141 -3.00 -16.35 -3.84
C LEU A 141 -3.92 -16.20 -2.63
N ASP A 142 -3.47 -16.72 -1.50
CA ASP A 142 -4.23 -16.67 -0.26
C ASP A 142 -3.62 -15.69 0.77
N GLU A 143 -4.23 -15.61 1.95
CA GLU A 143 -3.74 -14.71 3.00
C GLU A 143 -2.34 -15.08 3.43
N ALA A 144 -2.01 -16.37 3.31
CA ALA A 144 -0.69 -16.85 3.69
C ALA A 144 0.36 -16.20 2.78
N HIS A 145 -0.08 -15.70 1.64
CA HIS A 145 0.84 -15.04 0.72
C HIS A 145 0.38 -13.63 0.38
N GLY A 146 -0.34 -13.01 1.31
CA GLY A 146 -0.82 -11.64 1.10
C GLY A 146 0.24 -10.60 1.38
N PHE A 147 -0.04 -9.33 1.06
CA PHE A 147 0.94 -8.27 1.31
C PHE A 147 0.43 -7.20 2.25
N ALA A 148 1.33 -6.33 2.69
CA ALA A 148 0.95 -5.21 3.55
C ALA A 148 1.55 -3.93 2.95
N ILE A 149 0.86 -2.80 3.09
CA ILE A 149 1.38 -1.53 2.58
C ILE A 149 2.31 -0.97 3.64
N VAL A 150 3.52 -0.54 3.25
CA VAL A 150 4.46 0.03 4.21
C VAL A 150 3.89 1.38 4.64
N THR A 151 3.71 1.56 5.95
CA THR A 151 3.15 2.78 6.52
C THR A 151 4.12 3.50 7.48
N ASN A 152 3.95 4.81 7.60
CA ASN A 152 4.78 5.63 8.47
C ASN A 152 3.99 5.98 9.71
N ASP A 153 3.86 4.99 10.60
CA ASP A 153 3.10 5.15 11.83
C ASP A 153 3.48 6.38 12.66
N ALA A 154 4.77 6.67 12.74
CA ALA A 154 5.26 7.82 13.51
C ALA A 154 4.50 9.11 13.23
N LEU A 155 4.10 9.32 11.98
CA LEU A 155 3.38 10.53 11.61
C LEU A 155 1.88 10.34 11.52
N GLY A 156 1.42 9.13 11.84
CA GLY A 156 0.00 8.84 11.80
C GLY A 156 -0.61 9.00 10.42
N GLY A 157 -1.92 9.21 10.37
CA GLY A 157 -2.58 9.38 9.09
C GLY A 157 -2.39 10.79 8.57
N MET A 158 -2.81 11.02 7.33
CA MET A 158 -2.68 12.35 6.72
C MET A 158 -3.74 13.26 7.35
N VAL A 159 -4.88 12.67 7.71
CA VAL A 159 -5.99 13.42 8.30
C VAL A 159 -6.33 12.88 9.70
N ASP A 160 -6.37 11.55 9.82
CA ASP A 160 -6.68 10.88 11.08
C ASP A 160 -5.39 10.52 11.80
N VAL A 161 -5.14 11.18 12.93
CA VAL A 161 -3.92 10.95 13.71
C VAL A 161 -3.79 9.52 14.24
N HIS A 162 -4.87 8.76 14.19
CA HIS A 162 -4.84 7.38 14.67
C HIS A 162 -4.60 6.38 13.53
N ASP A 163 -4.51 6.88 12.30
CA ASP A 163 -4.29 6.00 11.16
C ASP A 163 -2.81 5.98 10.83
N ARG A 164 -2.46 5.27 9.78
CA ARG A 164 -1.08 5.13 9.36
C ARG A 164 -0.93 5.48 7.89
N ARG A 165 -0.31 6.61 7.60
CA ARG A 165 -0.16 7.01 6.21
C ARG A 165 0.78 6.08 5.46
N PRO A 166 0.45 5.78 4.20
CA PRO A 166 1.27 4.89 3.36
C PRO A 166 2.50 5.60 2.82
N VAL A 167 3.63 4.90 2.82
CA VAL A 167 4.86 5.48 2.31
C VAL A 167 4.85 5.50 0.78
N ALA A 168 4.69 6.67 0.20
CA ALA A 168 4.68 6.80 -1.25
C ALA A 168 6.09 7.17 -1.69
N LEU A 169 6.55 6.53 -2.76
CA LEU A 169 7.89 6.78 -3.26
C LEU A 169 7.95 7.45 -4.63
N PRO A 170 9.00 8.23 -4.88
CA PRO A 170 9.15 8.90 -6.18
C PRO A 170 9.43 7.78 -7.18
N PRO A 171 9.10 7.99 -8.47
CA PRO A 171 9.35 6.95 -9.47
C PRO A 171 10.78 6.40 -9.47
N GLU A 172 11.76 7.29 -9.32
CA GLU A 172 13.17 6.89 -9.31
C GLU A 172 13.46 5.91 -8.17
N LEU A 173 13.01 6.26 -6.96
CA LEU A 173 13.24 5.43 -5.79
C LEU A 173 12.37 4.17 -5.84
N ALA A 174 11.21 4.30 -6.46
CA ALA A 174 10.29 3.19 -6.59
C ALA A 174 10.92 2.09 -7.43
N ARG A 175 11.62 2.48 -8.49
CA ARG A 175 12.29 1.50 -9.35
C ARG A 175 13.38 0.79 -8.57
N GLU A 176 14.13 1.55 -7.79
CA GLU A 176 15.19 0.94 -7.00
C GLU A 176 14.59 -0.04 -6.00
N TRP A 177 13.47 0.33 -5.40
CA TRP A 177 12.81 -0.54 -4.42
C TRP A 177 12.43 -1.91 -5.00
N VAL A 178 11.85 -1.94 -6.19
CA VAL A 178 11.43 -3.20 -6.81
C VAL A 178 12.58 -4.01 -7.47
N ASP A 179 13.73 -3.36 -7.66
CA ASP A 179 14.93 -3.97 -8.27
C ASP A 179 15.54 -5.02 -7.34
N PRO A 180 15.40 -6.31 -7.70
CA PRO A 180 15.94 -7.40 -6.89
C PRO A 180 17.44 -7.28 -6.59
N ALA A 181 18.14 -6.46 -7.38
CA ALA A 181 19.57 -6.27 -7.20
C ALA A 181 19.91 -5.33 -6.03
N THR A 182 18.97 -4.46 -5.66
CA THR A 182 19.24 -3.53 -4.57
C THR A 182 19.24 -4.26 -3.22
N PRO A 183 20.32 -4.12 -2.45
CA PRO A 183 20.44 -4.77 -1.15
C PRO A 183 19.41 -4.27 -0.14
N VAL A 184 19.12 -5.10 0.86
CA VAL A 184 18.16 -4.79 1.91
C VAL A 184 18.52 -3.48 2.64
N ALA A 185 19.82 -3.24 2.78
CA ALA A 185 20.30 -2.04 3.45
C ALA A 185 19.85 -0.82 2.67
N ARG A 186 19.94 -0.90 1.34
CA ARG A 186 19.54 0.20 0.48
C ARG A 186 18.03 0.35 0.52
N ALA A 187 17.33 -0.79 0.62
CA ALA A 187 15.87 -0.78 0.67
C ALA A 187 15.37 -0.04 1.91
N LYS A 188 16.02 -0.27 3.04
CA LYS A 188 15.60 0.39 4.26
C LYS A 188 15.74 1.92 4.16
N GLU A 189 16.83 2.39 3.56
CA GLU A 189 17.03 3.83 3.40
C GLU A 189 15.93 4.46 2.55
N ILE A 190 15.64 3.84 1.40
CA ILE A 190 14.62 4.32 0.49
C ILE A 190 13.29 4.52 1.20
N LEU A 191 12.95 3.56 2.06
CA LEU A 191 11.70 3.58 2.78
C LEU A 191 11.39 4.87 3.53
N ARG A 192 12.41 5.59 3.96
CA ARG A 192 12.16 6.84 4.67
C ARG A 192 12.19 8.08 3.78
N ALA A 193 12.25 7.85 2.47
CA ALA A 193 12.28 8.96 1.52
C ALA A 193 10.88 9.12 0.91
N GLY A 194 9.86 8.80 1.70
CA GLY A 194 8.50 8.92 1.21
C GLY A 194 8.08 10.36 0.94
N LEU A 195 7.17 10.54 -0.01
CA LEU A 195 6.67 11.87 -0.36
C LEU A 195 6.12 12.60 0.87
N PRO A 196 6.41 13.91 0.97
CA PRO A 196 5.93 14.71 2.10
C PRO A 196 4.45 15.06 1.96
N GLU A 197 3.80 15.39 3.07
CA GLU A 197 2.37 15.71 3.03
C GLU A 197 2.06 16.90 2.13
N THR A 198 3.03 17.80 1.97
CA THR A 198 2.87 18.97 1.12
C THR A 198 2.60 18.61 -0.35
N ALA A 199 2.60 17.32 -0.67
CA ALA A 199 2.37 16.87 -2.04
C ALA A 199 0.96 16.33 -2.24
N PHE A 200 0.19 16.26 -1.16
CA PHE A 200 -1.17 15.75 -1.19
C PHE A 200 -2.23 16.77 -0.78
N SER A 201 -3.44 16.58 -1.28
CA SER A 201 -4.58 17.41 -0.94
C SER A 201 -5.66 16.39 -0.60
N TRP A 202 -6.74 16.82 0.06
CA TRP A 202 -7.80 15.88 0.41
C TRP A 202 -9.13 16.58 0.65
N TYR A 203 -10.20 15.82 0.58
CA TYR A 203 -11.53 16.37 0.81
C TYR A 203 -12.44 15.33 1.46
N PRO A 204 -13.51 15.77 2.12
CA PRO A 204 -14.41 14.81 2.76
C PRO A 204 -15.31 14.17 1.70
N VAL A 205 -15.40 12.84 1.71
CA VAL A 205 -16.26 12.17 0.74
C VAL A 205 -17.68 12.24 1.30
N ARG A 206 -18.62 12.65 0.46
CA ARG A 206 -20.00 12.82 0.88
C ARG A 206 -20.86 11.60 0.60
N GLN A 207 -20.37 10.71 -0.26
CA GLN A 207 -21.08 9.48 -0.61
C GLN A 207 -20.80 8.45 0.49
N GLU A 208 -21.32 7.23 0.31
CA GLU A 208 -21.11 6.16 1.26
C GLU A 208 -19.89 5.32 0.90
N VAL A 209 -18.91 5.26 1.79
CA VAL A 209 -17.70 4.48 1.56
C VAL A 209 -17.39 3.61 2.77
N GLY A 210 -18.06 3.89 3.88
CA GLY A 210 -17.84 3.12 5.09
C GLY A 210 -17.94 3.98 6.34
N SER A 211 -18.21 3.33 7.48
CA SER A 211 -18.33 4.02 8.76
C SER A 211 -16.97 4.13 9.46
N SER A 212 -16.08 3.18 9.17
CA SER A 212 -14.75 3.16 9.76
C SER A 212 -13.74 2.53 8.81
N LYS A 213 -12.46 2.61 9.16
CA LYS A 213 -11.39 2.03 8.33
C LYS A 213 -11.66 0.56 8.07
N TYR A 214 -12.16 -0.12 9.10
CA TYR A 214 -12.46 -1.55 9.02
C TYR A 214 -13.97 -1.82 8.93
N GLN A 215 -14.68 -0.93 8.23
CA GLN A 215 -16.12 -1.10 8.05
C GLN A 215 -16.53 -0.82 6.61
N LEU A 216 -16.81 -1.90 5.88
CA LEU A 216 -17.22 -1.80 4.49
C LEU A 216 -18.63 -1.23 4.43
N PRO A 217 -18.94 -0.46 3.37
CA PRO A 217 -20.27 0.14 3.21
C PRO A 217 -21.38 -0.89 3.10
N ASP A 218 -22.43 -0.72 3.92
CA ASP A 218 -23.57 -1.63 3.91
C ASP A 218 -24.21 -1.75 2.54
#